data_5X8W
#
_entry.id   5X8W
#
_cell.length_a   61.740
_cell.length_b   61.740
_cell.length_c   155.800
_cell.angle_alpha   90.00
_cell.angle_beta   90.00
_cell.angle_gamma   90.00
#
_symmetry.space_group_name_H-M   'P 41 21 2'
#
loop_
_entity.id
_entity.type
_entity.pdbx_description
1 polymer 'Nuclear receptor ROR-gamma'
2 polymer 'Nuclear receptor coactivator 1'
3 water water
#
loop_
_entity_poly.entity_id
_entity_poly.type
_entity_poly.pdbx_seq_one_letter_code
_entity_poly.pdbx_strand_id
1 'polypeptide(L)'
;EAPYASLTEIEHLVQSVCKSYRETCQLRLEDLLRQRSNIFSREEVTGYQRKSMWEMWERCAHHLTEAIQYVVEFAKRLSG
FMELCQNDQIVLLKAGAMEVVLVRMCRAYNADNRTVFFEGKYGGMELFRALGCSELISSIFDFSHSLSALHFSEDEIALY
TALVLINAHRPGLQEKRKVEQLQYNLELAFHHHLCKTHRQSILAKLPPAGKLASLCSQHVERLQIFQHLHPIVVQAAFPP
LYKELFSTETESPVGLSK
;
A
2 'polypeptide(L)' RHKILHRLLQEGSPS B
#
# COMPACT_ATOMS: atom_id res chain seq x y z
N TYR A 4 -0.83 26.07 -3.94
CA TYR A 4 -1.88 26.73 -3.17
C TYR A 4 -1.31 28.03 -2.49
N ALA A 5 -2.14 29.09 -2.33
CA ALA A 5 -1.79 30.38 -1.66
C ALA A 5 -2.61 30.41 -0.32
N SER A 6 -2.02 30.77 0.82
CA SER A 6 -2.63 30.93 2.15
C SER A 6 -2.84 29.60 2.88
N LEU A 7 -2.85 29.60 4.22
CA LEU A 7 -3.10 28.36 5.01
C LEU A 7 -4.56 27.77 4.78
N THR A 8 -5.58 28.62 4.60
CA THR A 8 -6.95 28.10 4.45
C THR A 8 -7.02 27.10 3.23
N GLU A 9 -6.45 27.44 2.09
CA GLU A 9 -6.46 26.47 0.96
C GLU A 9 -5.64 25.19 1.32
N ILE A 10 -4.45 25.35 1.94
CA ILE A 10 -3.64 24.16 2.35
C ILE A 10 -4.44 23.28 3.36
N GLU A 11 -5.04 23.92 4.36
CA GLU A 11 -5.84 23.21 5.31
C GLU A 11 -7.04 22.57 4.67
N HIS A 12 -7.61 23.19 3.66
CA HIS A 12 -8.72 22.51 2.97
C HIS A 12 -8.21 21.21 2.31
N LEU A 13 -7.05 21.26 1.69
CA LEU A 13 -6.45 20.09 1.12
C LEU A 13 -6.20 18.98 2.12
N VAL A 14 -5.68 19.35 3.27
CA VAL A 14 -5.45 18.38 4.32
C VAL A 14 -6.73 17.64 4.64
N GLN A 15 -7.80 18.40 4.85
CA GLN A 15 -9.12 17.79 5.24
C GLN A 15 -9.59 16.98 4.15
N SER A 16 -9.46 17.48 2.96
CA SER A 16 -9.95 16.72 1.81
C SER A 16 -9.22 15.36 1.61
N VAL A 17 -7.91 15.35 1.70
CA VAL A 17 -7.12 14.14 1.62
C VAL A 17 -7.47 13.16 2.74
N CYS A 18 -7.52 13.65 3.97
CA CYS A 18 -7.90 12.82 5.08
C CYS A 18 -9.26 12.15 4.88
N LYS A 19 -10.24 12.90 4.39
CA LYS A 19 -11.55 12.36 4.10
C LYS A 19 -11.53 11.27 3.01
N SER A 20 -10.79 11.49 1.92
CA SER A 20 -10.64 10.52 0.84
C SER A 20 -10.01 9.24 1.37
N TYR A 21 -9.02 9.41 2.22
CA TYR A 21 -8.39 8.28 2.83
C TYR A 21 -9.41 7.49 3.70
N ARG A 22 -10.07 8.17 4.63
CA ARG A 22 -11.04 7.50 5.52
C ARG A 22 -12.15 6.76 4.73
N GLU A 23 -12.61 7.33 3.65
CA GLU A 23 -13.65 6.70 2.84
C GLU A 23 -13.17 5.50 2.05
N THR A 24 -11.88 5.48 1.80
CA THR A 24 -11.28 4.40 1.06
C THR A 24 -10.35 3.42 1.83
N CYS A 25 -10.33 3.47 3.14
CA CYS A 25 -9.52 2.52 3.87
C CYS A 25 -10.37 1.27 3.92
N GLN A 26 -9.78 0.14 3.58
CA GLN A 26 -10.50 -1.13 3.54
C GLN A 26 -11.01 -1.58 4.90
N LEU A 27 -10.20 -1.36 5.93
CA LEU A 27 -10.55 -1.76 7.28
C LEU A 27 -10.43 -0.59 8.24
N ARG A 28 -11.37 -0.45 9.17
CA ARG A 28 -11.25 0.66 10.12
C ARG A 28 -10.18 0.32 11.14
N LEU A 29 -9.44 1.33 11.59
CA LEU A 29 -8.30 1.10 12.46
C LEU A 29 -8.74 0.40 13.79
N GLU A 30 -9.84 0.88 14.36
CA GLU A 30 -10.32 0.23 15.59
C GLU A 30 -10.79 -1.21 15.41
N ASP A 31 -11.26 -1.62 14.20
CA ASP A 31 -11.56 -3.02 13.98
C ASP A 31 -10.31 -3.79 14.00
N LEU A 32 -9.26 -3.26 13.41
CA LEU A 32 -7.92 -3.91 13.52
C LEU A 32 -7.37 -3.99 14.96
N LEU A 33 -7.52 -2.93 15.72
CA LEU A 33 -6.99 -2.93 17.10
C LEU A 33 -7.79 -3.90 17.96
N ARG A 34 -9.10 -3.92 17.81
CA ARG A 34 -9.96 -4.82 18.56
C ARG A 34 -9.66 -6.31 18.37
N GLN A 35 -9.03 -6.63 17.24
CA GLN A 35 -8.67 -8.01 16.91
C GLN A 35 -7.34 -8.45 17.38
N ARG A 36 -6.58 -7.59 18.05
CA ARG A 36 -5.16 -7.94 18.34
C ARG A 36 -4.94 -9.24 19.15
N SER A 37 -5.84 -9.55 20.06
CA SER A 37 -5.77 -10.82 20.81
C SER A 37 -6.16 -12.07 20.05
N ASN A 38 -6.77 -11.93 18.88
CA ASN A 38 -7.21 -13.02 18.09
C ASN A 38 -6.01 -13.46 17.20
N ILE A 39 -5.22 -14.41 17.70
CA ILE A 39 -3.98 -14.75 17.10
C ILE A 39 -4.04 -16.20 16.68
N PHE A 40 -3.53 -16.51 15.50
CA PHE A 40 -3.52 -17.91 15.00
C PHE A 40 -2.81 -18.87 15.97
N SER A 41 -3.46 -20.01 16.27
CA SER A 41 -2.83 -21.07 17.12
C SER A 41 -1.67 -21.69 16.36
N ARG A 42 -0.90 -22.39 17.04
CA ARG A 42 0.26 -23.05 16.39
C ARG A 42 -0.24 -24.08 15.35
N GLU A 43 -1.39 -24.62 15.55
CA GLU A 43 -1.93 -25.62 14.70
C GLU A 43 -2.40 -24.93 13.46
N GLU A 44 -2.97 -23.72 13.57
CA GLU A 44 -3.38 -22.97 12.41
C GLU A 44 -2.12 -22.51 11.61
N VAL A 45 -1.11 -22.17 12.32
CA VAL A 45 0.15 -21.78 11.68
C VAL A 45 0.69 -22.95 10.87
N THR A 46 0.71 -24.14 11.48
CA THR A 46 1.18 -25.30 10.78
C THR A 46 0.32 -25.53 9.58
N GLY A 47 -0.99 -25.36 9.69
CA GLY A 47 -1.90 -25.51 8.55
C GLY A 47 -1.52 -24.60 7.37
N TYR A 48 -1.14 -23.36 7.68
CA TYR A 48 -0.72 -22.43 6.63
C TYR A 48 0.58 -22.84 6.03
N GLN A 49 1.48 -23.33 6.85
CA GLN A 49 2.79 -23.78 6.36
C GLN A 49 2.70 -25.02 5.46
N ARG A 50 1.70 -25.83 5.67
CA ARG A 50 1.50 -27.00 4.83
C ARG A 50 0.75 -26.73 3.59
N LYS A 51 0.16 -25.55 3.39
CA LYS A 51 -0.52 -25.25 2.12
C LYS A 51 0.50 -25.27 1.01
N SER A 52 0.10 -25.62 -0.20
CA SER A 52 1.02 -25.54 -1.34
C SER A 52 1.48 -24.07 -1.57
N MET A 53 2.66 -23.96 -2.17
CA MET A 53 3.19 -22.71 -2.63
C MET A 53 2.17 -21.98 -3.51
N TRP A 54 1.61 -22.71 -4.44
CA TRP A 54 0.71 -22.07 -5.40
C TRP A 54 -0.60 -21.60 -4.80
N GLU A 55 -1.13 -22.35 -3.85
CA GLU A 55 -2.31 -21.91 -3.16
C GLU A 55 -2.06 -20.65 -2.26
N MET A 56 -0.94 -20.61 -1.58
CA MET A 56 -0.69 -19.47 -0.73
C MET A 56 -0.42 -18.22 -1.67
N TRP A 57 0.29 -18.41 -2.79
CA TRP A 57 0.47 -17.33 -3.77
C TRP A 57 -0.87 -16.76 -4.26
N GLU A 58 -1.77 -17.64 -4.59
CA GLU A 58 -3.09 -17.26 -5.08
C GLU A 58 -3.83 -16.45 -4.04
N ARG A 59 -3.86 -16.95 -2.83
CA ARG A 59 -4.51 -16.25 -1.71
C ARG A 59 -3.94 -14.89 -1.48
N CYS A 60 -2.62 -14.79 -1.43
CA CYS A 60 -1.97 -13.48 -1.22
C CYS A 60 -2.22 -12.51 -2.37
N ALA A 61 -2.21 -13.01 -3.59
CA ALA A 61 -2.53 -12.23 -4.77
C ALA A 61 -3.95 -11.72 -4.73
N HIS A 62 -4.91 -12.58 -4.36
CA HIS A 62 -6.26 -12.13 -4.16
C HIS A 62 -6.35 -11.02 -3.13
N HIS A 63 -5.66 -11.19 -2.02
CA HIS A 63 -5.75 -10.19 -0.92
C HIS A 63 -5.11 -8.88 -1.36
N LEU A 64 -3.98 -8.97 -2.06
CA LEU A 64 -3.35 -7.78 -2.61
C LEU A 64 -4.22 -7.06 -3.61
N THR A 65 -4.91 -7.85 -4.45
CA THR A 65 -5.79 -7.28 -5.44
C THR A 65 -6.89 -6.50 -4.79
N GLU A 66 -7.52 -7.06 -3.75
CA GLU A 66 -8.57 -6.32 -3.04
C GLU A 66 -8.04 -5.04 -2.44
N ALA A 67 -6.87 -5.09 -1.79
CA ALA A 67 -6.26 -3.87 -1.25
C ALA A 67 -6.00 -2.81 -2.35
N ILE A 68 -5.52 -3.25 -3.51
CA ILE A 68 -5.27 -2.35 -4.63
C ILE A 68 -6.53 -1.66 -5.11
N GLN A 69 -7.65 -2.36 -5.06
CA GLN A 69 -8.94 -1.76 -5.47
C GLN A 69 -9.32 -0.59 -4.63
N TYR A 70 -9.09 -0.68 -3.32
CA TYR A 70 -9.35 0.42 -2.44
C TYR A 70 -8.41 1.61 -2.75
N VAL A 71 -7.17 1.31 -3.12
CA VAL A 71 -6.17 2.35 -3.48
C VAL A 71 -6.62 3.04 -4.75
N VAL A 72 -7.14 2.30 -5.73
CA VAL A 72 -7.70 2.93 -6.90
C VAL A 72 -8.80 3.93 -6.55
N GLU A 73 -9.68 3.53 -5.64
CA GLU A 73 -10.79 4.43 -5.19
C GLU A 73 -10.19 5.68 -4.46
N PHE A 74 -9.20 5.42 -3.60
CA PHE A 74 -8.43 6.55 -2.97
C PHE A 74 -7.97 7.57 -4.05
N ALA A 75 -7.37 7.06 -5.13
CA ALA A 75 -6.81 7.95 -6.14
C ALA A 75 -7.91 8.69 -6.84
N LYS A 76 -8.99 7.99 -7.13
CA LYS A 76 -10.15 8.61 -7.70
C LYS A 76 -10.73 9.72 -6.88
N ARG A 77 -10.76 9.61 -5.62
CA ARG A 77 -11.21 10.72 -4.77
C ARG A 77 -10.22 11.85 -4.50
N LEU A 78 -9.00 11.82 -5.00
CA LEU A 78 -8.12 13.01 -4.89
C LEU A 78 -8.34 13.88 -6.01
N SER A 79 -8.81 15.14 -5.86
CA SER A 79 -9.35 15.96 -7.04
C SER A 79 -8.30 16.12 -8.14
N GLY A 80 -7.12 16.52 -7.67
CA GLY A 80 -6.02 16.64 -8.58
C GLY A 80 -5.72 15.44 -9.45
N PHE A 81 -5.99 14.24 -8.89
CA PHE A 81 -5.59 13.04 -9.60
C PHE A 81 -6.47 12.86 -10.81
N MET A 82 -7.75 12.99 -10.59
CA MET A 82 -8.70 12.85 -11.69
C MET A 82 -8.62 14.00 -12.72
N GLU A 83 -8.01 15.10 -12.39
CA GLU A 83 -7.63 16.10 -13.41
C GLU A 83 -6.44 15.73 -14.31
N LEU A 84 -5.62 14.70 -13.96
CA LEU A 84 -4.49 14.31 -14.81
C LEU A 84 -5.07 13.54 -15.95
N CYS A 85 -4.34 13.42 -17.04
CA CYS A 85 -4.80 12.63 -18.19
C CYS A 85 -4.81 11.15 -17.85
N GLN A 86 -5.49 10.38 -18.62
CA GLN A 86 -5.60 8.98 -18.30
C GLN A 86 -4.22 8.26 -18.31
N ASN A 87 -3.33 8.59 -19.26
CA ASN A 87 -2.05 7.91 -19.33
C ASN A 87 -1.35 8.06 -17.99
N ASP A 88 -1.43 9.28 -17.44
CA ASP A 88 -0.70 9.61 -16.25
C ASP A 88 -1.34 9.00 -15.02
N GLN A 89 -2.68 8.95 -15.01
CA GLN A 89 -3.40 8.19 -13.97
C GLN A 89 -2.89 6.77 -13.85
N ILE A 90 -2.76 6.14 -15.00
CA ILE A 90 -2.35 4.74 -15.08
C ILE A 90 -0.90 4.60 -14.71
N VAL A 91 -0.08 5.48 -15.21
CA VAL A 91 1.33 5.48 -14.80
C VAL A 91 1.47 5.53 -13.28
N LEU A 92 0.74 6.45 -12.70
CA LEU A 92 0.84 6.65 -11.26
C LEU A 92 0.37 5.45 -10.52
N LEU A 93 -0.78 4.91 -10.87
CA LEU A 93 -1.36 3.78 -10.23
C LEU A 93 -0.47 2.48 -10.43
N LYS A 94 0.05 2.26 -11.63
CA LYS A 94 0.86 1.03 -11.86
C LYS A 94 2.14 1.03 -10.98
N ALA A 95 2.81 2.17 -10.92
CA ALA A 95 4.01 2.35 -10.04
C ALA A 95 3.68 2.48 -8.51
N GLY A 96 2.54 3.12 -8.22
CA GLY A 96 2.24 3.54 -6.88
C GLY A 96 1.31 2.68 -6.07
N ALA A 97 0.44 1.92 -6.73
CA ALA A 97 -0.57 1.23 -5.98
C ALA A 97 -0.02 0.29 -4.89
N MET A 98 1.00 -0.49 -5.25
CA MET A 98 1.62 -1.49 -4.35
C MET A 98 2.32 -0.76 -3.22
N GLU A 99 2.94 0.37 -3.57
CA GLU A 99 3.61 1.12 -2.54
C GLU A 99 2.60 1.61 -1.53
N VAL A 100 1.47 2.08 -2.00
CA VAL A 100 0.42 2.53 -1.05
C VAL A 100 -0.08 1.38 -0.15
N VAL A 101 -0.33 0.25 -0.75
CA VAL A 101 -0.77 -0.91 0.05
C VAL A 101 0.27 -1.24 1.13
N LEU A 102 1.52 -1.21 0.74
CA LEU A 102 2.61 -1.53 1.68
C LEU A 102 2.66 -0.58 2.87
N VAL A 103 2.42 0.70 2.59
CA VAL A 103 2.22 1.65 3.67
C VAL A 103 0.96 1.43 4.51
N ARG A 104 -0.18 1.21 3.85
CA ARG A 104 -1.37 0.94 4.55
C ARG A 104 -1.32 -0.30 5.42
N MET A 105 -0.48 -1.26 5.09
CA MET A 105 -0.34 -2.48 5.91
C MET A 105 0.15 -2.25 7.34
N CYS A 106 0.89 -1.21 7.58
CA CYS A 106 1.36 -0.95 9.00
C CYS A 106 0.21 -0.89 10.01
N ARG A 107 -0.96 -0.47 9.56
CA ARG A 107 -2.15 -0.41 10.40
C ARG A 107 -2.61 -1.82 10.91
N ALA A 108 -2.27 -2.84 10.13
CA ALA A 108 -2.64 -4.21 10.36
C ALA A 108 -1.54 -4.97 11.02
N TYR A 109 -0.47 -4.29 11.39
CA TYR A 109 0.69 -4.88 11.99
C TYR A 109 0.68 -4.50 13.49
N ASN A 110 0.92 -5.50 14.33
CA ASN A 110 1.13 -5.33 15.80
C ASN A 110 2.61 -5.48 16.12
N ALA A 111 3.22 -4.34 16.42
CA ALA A 111 4.65 -4.30 16.68
C ALA A 111 5.02 -5.00 18.02
N ASP A 112 4.04 -5.07 18.91
CA ASP A 112 4.25 -5.67 20.26
C ASP A 112 4.66 -7.19 20.18
N ASN A 113 4.06 -7.88 19.22
CA ASN A 113 4.32 -9.31 18.96
C ASN A 113 4.73 -9.65 17.50
N ARG A 114 4.91 -8.63 16.67
CA ARG A 114 5.31 -8.82 15.28
C ARG A 114 4.38 -9.68 14.47
N THR A 115 3.10 -9.40 14.54
CA THR A 115 2.10 -10.12 13.80
C THR A 115 1.34 -9.14 12.88
N VAL A 116 0.71 -9.71 11.86
CA VAL A 116 -0.06 -8.98 10.91
C VAL A 116 -1.40 -9.69 10.82
N PHE A 117 -2.45 -8.89 10.68
CA PHE A 117 -3.84 -9.37 10.47
C PHE A 117 -4.02 -9.92 9.07
N PHE A 118 -4.30 -11.23 8.96
CA PHE A 118 -4.35 -11.91 7.73
C PHE A 118 -5.44 -13.00 7.85
N GLU A 119 -6.42 -12.88 7.00
CA GLU A 119 -7.49 -13.83 6.93
C GLU A 119 -8.13 -14.05 8.33
N GLY A 120 -8.39 -12.98 9.05
CA GLY A 120 -9.21 -13.02 10.27
C GLY A 120 -8.54 -13.08 11.62
N LYS A 121 -7.25 -13.30 11.62
CA LYS A 121 -6.48 -13.34 12.83
C LYS A 121 -5.12 -12.76 12.59
N TYR A 122 -4.39 -12.57 13.67
CA TYR A 122 -3.02 -12.11 13.63
C TYR A 122 -2.05 -13.28 13.61
N GLY A 123 -1.07 -13.17 12.72
CA GLY A 123 -0.02 -14.16 12.62
C GLY A 123 1.31 -13.57 12.30
N GLY A 124 2.36 -14.31 12.66
CA GLY A 124 3.73 -13.83 12.52
C GLY A 124 4.15 -14.12 11.13
N MET A 125 5.36 -13.77 10.80
CA MET A 125 5.85 -14.01 9.45
C MET A 125 6.00 -15.49 9.08
N GLU A 126 6.17 -16.33 10.09
CA GLU A 126 6.22 -17.80 9.85
C GLU A 126 4.88 -18.30 9.18
N LEU A 127 3.86 -17.48 9.22
CA LEU A 127 2.54 -17.81 8.62
C LEU A 127 2.66 -18.05 7.05
N PHE A 128 3.54 -17.27 6.42
CA PHE A 128 3.77 -17.21 4.93
C PHE A 128 4.95 -18.06 4.39
N ARG A 129 5.47 -18.98 5.20
CA ARG A 129 6.61 -19.76 4.78
C ARG A 129 6.40 -20.52 3.49
N ALA A 130 5.19 -20.97 3.22
CA ALA A 130 4.93 -21.76 2.02
C ALA A 130 5.17 -20.95 0.76
N LEU A 131 5.14 -19.62 0.88
CA LEU A 131 5.38 -18.82 -0.35
C LEU A 131 6.77 -19.00 -0.97
N GLY A 132 7.76 -19.37 -0.16
CA GLY A 132 9.14 -19.31 -0.56
C GLY A 132 9.69 -17.92 -0.94
N CYS A 133 9.32 -16.90 -0.20
N CYS A 133 9.25 -16.87 -0.25
CA CYS A 133 9.92 -15.61 -0.44
CA CYS A 133 9.89 -15.54 -0.39
C CYS A 133 10.16 -14.99 0.91
C CYS A 133 10.16 -14.98 0.96
N SER A 134 10.98 -15.68 1.72
CA SER A 134 11.22 -15.27 3.13
C SER A 134 11.84 -13.91 3.20
N GLU A 135 12.69 -13.60 2.22
CA GLU A 135 13.38 -12.28 2.21
C GLU A 135 12.35 -11.10 2.04
N LEU A 136 11.50 -11.22 1.04
CA LEU A 136 10.46 -10.25 0.82
C LEU A 136 9.54 -10.11 2.03
N ILE A 137 9.04 -11.22 2.54
CA ILE A 137 8.15 -11.17 3.68
C ILE A 137 8.79 -10.49 4.85
N SER A 138 10.02 -10.90 5.12
CA SER A 138 10.75 -10.32 6.19
C SER A 138 10.96 -8.83 5.96
N SER A 139 11.28 -8.44 4.74
CA SER A 139 11.38 -7.04 4.46
C SER A 139 10.04 -6.29 4.65
N ILE A 140 8.98 -6.86 4.29
CA ILE A 140 7.71 -6.18 4.47
C ILE A 140 7.44 -6.05 5.94
N PHE A 141 7.60 -7.05 6.75
CA PHE A 141 7.38 -7.02 8.17
C PHE A 141 8.29 -5.91 8.78
N ASP A 142 9.50 -5.93 8.37
CA ASP A 142 10.46 -4.89 8.83
C ASP A 142 9.97 -3.51 8.49
N PHE A 143 9.50 -3.30 7.26
CA PHE A 143 8.92 -2.01 6.87
C PHE A 143 7.72 -1.62 7.72
N SER A 144 6.79 -2.55 7.94
CA SER A 144 5.65 -2.26 8.80
C SER A 144 6.11 -1.98 10.26
N HIS A 145 7.13 -2.65 10.72
CA HIS A 145 7.63 -2.40 12.08
C HIS A 145 8.20 -0.96 12.18
N SER A 146 8.95 -0.51 11.18
CA SER A 146 9.45 0.89 11.12
C SER A 146 8.41 1.89 11.24
N LEU A 147 7.38 1.77 10.42
CA LEU A 147 6.31 2.72 10.46
C LEU A 147 5.57 2.68 11.73
N SER A 148 5.36 1.45 12.23
CA SER A 148 4.61 1.31 13.47
C SER A 148 5.36 1.98 14.65
N ALA A 149 6.68 1.90 14.66
CA ALA A 149 7.52 2.56 15.67
C ALA A 149 7.27 4.11 15.68
N LEU A 150 6.98 4.64 14.51
CA LEU A 150 6.61 6.07 14.38
C LEU A 150 5.18 6.42 14.95
N HIS A 151 4.38 5.42 15.29
CA HIS A 151 3.02 5.66 15.74
C HIS A 151 2.31 6.54 14.68
N PHE A 152 2.33 6.12 13.43
CA PHE A 152 1.71 6.90 12.32
C PHE A 152 0.21 7.15 12.66
N SER A 153 -0.28 8.39 12.56
CA SER A 153 -1.73 8.67 12.80
C SER A 153 -2.52 8.36 11.51
N GLU A 154 -3.77 8.29 11.63
CA GLU A 154 -4.60 7.99 10.41
C GLU A 154 -4.41 9.20 9.42
N ASP A 155 -4.50 10.36 9.95
CA ASP A 155 -4.27 11.55 9.16
C ASP A 155 -2.88 11.57 8.51
N GLU A 156 -1.85 11.15 9.22
CA GLU A 156 -0.53 11.12 8.62
C GLU A 156 -0.43 10.11 7.48
N ILE A 157 -1.11 8.96 7.65
CA ILE A 157 -1.08 7.90 6.62
C ILE A 157 -1.79 8.39 5.39
N ALA A 158 -2.93 9.04 5.60
CA ALA A 158 -3.58 9.69 4.47
C ALA A 158 -2.76 10.57 3.60
N LEU A 159 -2.10 11.49 4.30
CA LEU A 159 -1.30 12.49 3.61
C LEU A 159 -0.02 11.87 2.99
N TYR A 160 0.62 10.96 3.76
CA TYR A 160 1.83 10.30 3.30
C TYR A 160 1.53 9.42 2.08
N THR A 161 0.41 8.70 2.11
CA THR A 161 0.06 7.83 0.98
C THR A 161 -0.41 8.63 -0.24
N ALA A 162 -1.01 9.79 -0.05
CA ALA A 162 -1.29 10.67 -1.19
C ALA A 162 -0.03 11.09 -1.91
N LEU A 163 1.03 11.33 -1.15
CA LEU A 163 2.32 11.64 -1.68
C LEU A 163 3.03 10.46 -2.34
N VAL A 164 2.88 9.28 -1.77
CA VAL A 164 3.38 8.04 -2.39
C VAL A 164 2.82 7.89 -3.80
N LEU A 165 1.52 8.12 -3.96
CA LEU A 165 0.89 8.00 -5.25
C LEU A 165 1.20 9.15 -6.24
N ILE A 166 1.21 10.40 -5.76
CA ILE A 166 1.40 11.57 -6.64
C ILE A 166 2.88 11.87 -6.65
N ASN A 167 3.60 11.12 -7.46
CA ASN A 167 5.07 11.15 -7.48
C ASN A 167 5.44 11.54 -8.82
N ALA A 168 5.93 12.76 -8.98
CA ALA A 168 6.23 13.26 -10.29
C ALA A 168 7.48 12.60 -10.93
N HIS A 169 8.22 11.76 -10.21
CA HIS A 169 9.39 11.09 -10.81
C HIS A 169 9.05 9.79 -11.56
N ARG A 170 7.77 9.39 -11.62
CA ARG A 170 7.45 8.15 -12.32
C ARG A 170 7.78 8.25 -13.80
N PRO A 171 8.51 7.30 -14.27
CA PRO A 171 8.76 7.27 -15.73
C PRO A 171 7.46 7.07 -16.47
N GLY A 172 7.20 7.86 -17.51
CA GLY A 172 6.10 7.69 -18.42
C GLY A 172 5.10 8.77 -18.35
N LEU A 173 5.28 9.67 -17.40
CA LEU A 173 4.33 10.73 -17.24
C LEU A 173 4.47 11.75 -18.39
N GLN A 174 3.35 12.06 -18.97
CA GLN A 174 3.22 13.06 -20.07
C GLN A 174 3.14 14.45 -19.48
N GLU A 175 2.28 14.66 -18.48
CA GLU A 175 2.14 16.02 -17.89
C GLU A 175 2.88 16.11 -16.57
N LYS A 176 4.18 16.00 -16.68
CA LYS A 176 5.08 15.94 -15.55
C LYS A 176 4.96 17.19 -14.67
N ARG A 177 4.92 18.34 -15.29
CA ARG A 177 4.81 19.59 -14.55
C ARG A 177 3.54 19.70 -13.73
N LYS A 178 2.46 19.21 -14.33
CA LYS A 178 1.18 19.19 -13.64
C LYS A 178 1.32 18.24 -12.39
N VAL A 179 1.98 17.09 -12.55
CA VAL A 179 2.14 16.16 -11.43
C VAL A 179 3.01 16.81 -10.34
N GLU A 180 4.05 17.52 -10.74
CA GLU A 180 4.86 18.21 -9.85
C GLU A 180 4.10 19.20 -8.98
N GLN A 181 3.22 19.95 -9.60
CA GLN A 181 2.46 20.96 -8.90
C GLN A 181 1.61 20.32 -7.86
N LEU A 182 0.95 19.24 -8.27
CA LEU A 182 0.08 18.48 -7.34
C LEU A 182 0.94 17.90 -6.17
N GLN A 183 2.08 17.31 -6.53
CA GLN A 183 2.98 16.79 -5.53
C GLN A 183 3.40 17.88 -4.55
N TYR A 184 3.73 18.99 -4.98
CA TYR A 184 4.18 20.06 -4.10
C TYR A 184 3.04 20.57 -3.25
N ASN A 185 1.84 20.68 -3.72
CA ASN A 185 0.72 21.06 -2.86
C ASN A 185 0.43 20.05 -1.86
N LEU A 186 0.62 18.77 -2.20
CA LEU A 186 0.39 17.71 -1.19
C LEU A 186 1.55 17.66 -0.16
N GLU A 187 2.74 18.05 -0.56
CA GLU A 187 3.83 18.10 0.36
C GLU A 187 3.63 19.21 1.36
N LEU A 188 3.24 20.40 0.89
CA LEU A 188 2.79 21.46 1.74
C LEU A 188 1.71 21.05 2.72
N ALA A 189 0.68 20.37 2.23
CA ALA A 189 -0.34 19.89 3.11
C ALA A 189 0.21 18.95 4.21
N PHE A 190 1.02 17.95 3.80
CA PHE A 190 1.57 17.00 4.75
C PHE A 190 2.39 17.69 5.81
N HIS A 191 3.24 18.57 5.37
CA HIS A 191 4.26 19.21 6.25
C HIS A 191 3.57 20.27 7.08
N HIS A 192 2.60 20.98 6.49
CA HIS A 192 1.74 21.84 7.30
C HIS A 192 1.10 21.14 8.45
N HIS A 193 0.48 20.01 8.17
CA HIS A 193 -0.12 19.22 9.23
C HIS A 193 0.81 18.69 10.29
N LEU A 194 1.98 18.20 9.86
CA LEU A 194 3.05 17.85 10.80
C LEU A 194 3.47 19.01 11.74
N CYS A 195 3.63 20.18 11.14
CA CYS A 195 4.05 21.36 11.90
C CYS A 195 2.97 21.71 12.94
N LYS A 196 1.75 21.71 12.44
CA LYS A 196 0.57 22.08 13.24
C LYS A 196 0.37 21.10 14.44
N THR A 197 0.66 19.82 14.21
CA THR A 197 0.51 18.80 15.25
C THR A 197 1.78 18.49 16.06
N HIS A 198 2.84 19.27 15.84
CA HIS A 198 4.12 19.04 16.49
C HIS A 198 4.73 17.66 16.21
N ARG A 199 4.65 17.24 14.96
CA ARG A 199 5.08 15.93 14.55
C ARG A 199 6.19 16.00 13.48
N GLN A 200 6.84 17.15 13.33
CA GLN A 200 7.94 17.29 12.35
C GLN A 200 9.14 16.41 12.60
N SER A 201 9.26 15.93 13.83
CA SER A 201 10.32 14.96 14.18
C SER A 201 10.26 13.65 13.38
N ILE A 202 9.09 13.32 12.81
CA ILE A 202 9.05 12.07 12.06
C ILE A 202 9.71 12.18 10.71
N LEU A 203 9.91 13.41 10.17
CA LEU A 203 10.40 13.60 8.79
C LEU A 203 11.70 12.84 8.61
N ALA A 204 12.64 13.03 9.54
CA ALA A 204 13.92 12.36 9.49
C ALA A 204 13.80 10.85 9.70
N LYS A 205 12.72 10.39 10.32
CA LYS A 205 12.59 8.97 10.62
C LYS A 205 11.81 8.19 9.54
N LEU A 206 11.27 8.84 8.53
CA LEU A 206 10.48 8.16 7.49
C LEU A 206 11.42 7.29 6.68
N PRO A 207 10.95 6.19 6.16
CA PRO A 207 11.89 5.30 5.43
C PRO A 207 12.45 5.96 4.24
N PRO A 208 13.69 5.59 3.95
CA PRO A 208 14.48 6.23 2.91
C PRO A 208 13.89 6.07 1.54
N ALA A 209 14.22 7.02 0.67
CA ALA A 209 13.72 6.99 -0.68
C ALA A 209 14.22 5.71 -1.33
N GLY A 210 13.35 5.06 -2.03
CA GLY A 210 13.67 3.82 -2.70
C GLY A 210 13.42 2.57 -1.89
N LYS A 211 13.08 2.70 -0.61
CA LYS A 211 12.78 1.52 0.21
C LYS A 211 11.52 0.84 -0.32
N LEU A 212 10.52 1.66 -0.62
CA LEU A 212 9.25 1.22 -1.16
C LEU A 212 9.44 0.59 -2.51
N ALA A 213 10.31 1.20 -3.31
CA ALA A 213 10.66 0.70 -4.62
C ALA A 213 11.32 -0.67 -4.50
N SER A 214 12.19 -0.83 -3.50
CA SER A 214 12.88 -2.08 -3.28
C SER A 214 11.89 -3.22 -2.99
N LEU A 215 10.90 -2.97 -2.16
CA LEU A 215 9.88 -3.96 -1.88
C LEU A 215 9.10 -4.24 -3.10
N CYS A 216 8.71 -3.22 -3.88
CA CYS A 216 7.94 -3.47 -5.09
C CYS A 216 8.70 -4.28 -6.09
N SER A 217 10.01 -4.03 -6.21
CA SER A 217 10.79 -4.76 -7.17
C SER A 217 11.06 -6.21 -6.70
N GLN A 218 11.20 -6.44 -5.39
CA GLN A 218 11.34 -7.79 -4.88
C GLN A 218 10.07 -8.53 -5.17
N HIS A 219 8.94 -7.85 -4.98
CA HIS A 219 7.65 -8.43 -5.19
C HIS A 219 7.53 -8.90 -6.64
N VAL A 220 7.82 -7.99 -7.58
CA VAL A 220 7.86 -8.39 -9.01
C VAL A 220 8.86 -9.52 -9.34
N GLU A 221 10.00 -9.48 -8.72
CA GLU A 221 11.04 -10.51 -8.96
C GLU A 221 10.58 -11.89 -8.43
N ARG A 222 9.98 -11.91 -7.25
CA ARG A 222 9.52 -13.19 -6.69
C ARG A 222 8.33 -13.73 -7.50
N LEU A 223 7.45 -12.84 -7.94
CA LEU A 223 6.39 -13.17 -8.86
C LEU A 223 6.91 -13.81 -10.16
N GLN A 224 7.98 -13.25 -10.74
CA GLN A 224 8.51 -13.78 -12.02
C GLN A 224 8.98 -15.25 -11.79
N ILE A 225 9.66 -15.47 -10.68
CA ILE A 225 10.12 -16.84 -10.33
C ILE A 225 8.90 -17.76 -10.18
N PHE A 226 7.88 -17.37 -9.41
CA PHE A 226 6.70 -18.21 -9.21
C PHE A 226 6.00 -18.51 -10.52
N GLN A 227 5.86 -17.48 -11.35
CA GLN A 227 5.13 -17.59 -12.64
C GLN A 227 5.87 -18.59 -13.58
N HIS A 228 7.19 -18.53 -13.53
CA HIS A 228 8.02 -19.41 -14.34
C HIS A 228 7.87 -20.87 -13.84
N LEU A 229 7.68 -21.07 -12.55
CA LEU A 229 7.38 -22.37 -12.00
C LEU A 229 5.94 -22.86 -12.21
N HIS A 230 4.96 -21.98 -12.21
CA HIS A 230 3.59 -22.35 -12.25
C HIS A 230 2.81 -21.42 -13.20
N PRO A 231 3.18 -21.40 -14.47
CA PRO A 231 2.61 -20.37 -15.40
C PRO A 231 1.07 -20.55 -15.58
N ILE A 232 0.60 -21.79 -15.57
CA ILE A 232 -0.83 -22.10 -15.64
C ILE A 232 -1.61 -21.62 -14.44
N VAL A 233 -1.01 -21.64 -13.24
CA VAL A 233 -1.65 -21.10 -12.06
C VAL A 233 -1.85 -19.62 -12.16
N VAL A 234 -0.85 -18.93 -12.62
CA VAL A 234 -1.00 -17.47 -12.79
C VAL A 234 -2.08 -17.14 -13.83
N GLN A 235 -2.04 -17.83 -14.98
CA GLN A 235 -2.98 -17.58 -15.99
C GLN A 235 -4.41 -17.88 -15.51
N ALA A 236 -4.58 -19.00 -14.84
CA ALA A 236 -5.94 -19.46 -14.52
C ALA A 236 -6.53 -18.91 -13.28
N ALA A 237 -5.67 -18.64 -12.31
CA ALA A 237 -6.17 -18.38 -10.99
C ALA A 237 -5.63 -17.12 -10.30
N PHE A 238 -4.85 -16.30 -10.99
CA PHE A 238 -4.46 -15.03 -10.37
C PHE A 238 -5.44 -13.97 -10.88
N PRO A 239 -5.81 -12.99 -10.04
CA PRO A 239 -6.73 -11.96 -10.49
C PRO A 239 -6.23 -11.14 -11.69
N PRO A 240 -7.13 -10.83 -12.65
CA PRO A 240 -6.71 -10.05 -13.84
C PRO A 240 -6.08 -8.72 -13.49
N LEU A 241 -6.58 -8.02 -12.49
CA LEU A 241 -5.95 -6.74 -12.06
C LEU A 241 -4.54 -6.91 -11.55
N TYR A 242 -4.33 -7.96 -10.76
CA TYR A 242 -3.02 -8.29 -10.30
C TYR A 242 -2.10 -8.49 -11.47
N LYS A 243 -2.54 -9.29 -12.44
CA LYS A 243 -1.63 -9.58 -13.56
C LYS A 243 -1.36 -8.30 -14.38
N GLU A 244 -2.37 -7.45 -14.48
CA GLU A 244 -2.27 -6.19 -15.20
C GLU A 244 -1.21 -5.28 -14.58
N LEU A 245 -1.10 -5.29 -13.24
CA LEU A 245 -0.16 -4.42 -12.56
C LEU A 245 1.23 -5.02 -12.47
N PHE A 246 1.31 -6.34 -12.25
CA PHE A 246 2.59 -6.97 -11.95
C PHE A 246 3.24 -8.02 -12.96
N SER A 247 2.43 -8.81 -13.69
CA SER A 247 3.02 -9.86 -14.62
C SER A 247 3.84 -9.21 -15.73
N LYS B 3 -6.50 -1.68 -18.95
CA LYS B 3 -7.70 -2.43 -19.27
C LYS B 3 -8.66 -2.50 -18.09
N ILE B 4 -8.26 -3.19 -17.03
CA ILE B 4 -9.11 -3.31 -15.82
C ILE B 4 -8.93 -1.91 -15.18
N LEU B 5 -7.70 -1.42 -15.18
CA LEU B 5 -7.46 -0.08 -14.55
C LEU B 5 -8.36 0.93 -15.32
N HIS B 6 -8.23 0.88 -16.62
CA HIS B 6 -8.99 1.84 -17.44
C HIS B 6 -10.51 1.67 -17.04
N ARG B 7 -11.03 0.43 -16.96
CA ARG B 7 -12.47 0.28 -16.55
C ARG B 7 -12.72 0.85 -15.09
N LEU B 8 -11.84 0.54 -14.12
CA LEU B 8 -12.05 1.05 -12.72
C LEU B 8 -12.02 2.64 -12.70
N LEU B 9 -11.08 3.22 -13.43
CA LEU B 9 -11.00 4.71 -13.49
C LEU B 9 -12.31 5.30 -14.20
N GLN B 10 -12.78 4.66 -15.24
CA GLN B 10 -13.99 5.13 -15.97
C GLN B 10 -15.35 5.01 -15.16
N GLU B 11 -15.49 3.93 -14.40
CA GLU B 11 -16.73 3.65 -13.57
C GLU B 11 -16.69 4.38 -12.25
#